data_8P7U
#
_entry.id   8P7U
#
_cell.length_a   69.690
_cell.length_b   69.690
_cell.length_c   187.070
_cell.angle_alpha   90.00
_cell.angle_beta   90.00
_cell.angle_gamma   90.00
#
_symmetry.space_group_name_H-M   'P 43 21 2'
#
loop_
_entity.id
_entity.type
_entity.pdbx_description
1 polymer 'Parathion hydrolase'
2 non-polymer 'FORMIC ACID'
3 non-polymer 'ZINC ION'
4 non-polymer cyclohexa-2,5-diene-1,1-diol
5 non-polymer GLYCEROL
6 non-polymer 1-ethyl-1-methyl-cyclohexane
7 non-polymer 'SULFATE ION'
8 water water
#
_entity_poly.entity_id   1
_entity_poly.type   'polypeptide(L)'
_entity_poly.pdbx_seq_one_letter_code
;GDRINTVRGPITISEAGFTLTHEHICGSSAGFLRAWPEFFGSRAALVEKAVRGLRRARAAGVRTIVDVSTFDIGRDVSLL
AEVSRAADVHIVAATGLWEDPPLSMRLRSVEELTQFFLREIQYGIEDTGIRAGIIKVATNGKATPFQELVLRAAARASLA
TGVPVTTHTLASQRDGEQQAAIFESEGLSPSRVCIGHSDDTDDLSYLTALAARGYLIGLDGIPHSAIGLEDNASASALLG
NRSWQTRALLIKALIDQGYMKQILVSNDWLFGFSSYVTNIMDVMDSVNPDGMAFIPLRVIPFLREKGVSNETLAGITVTN
PARFLSPTLRA
;
_entity_poly.pdbx_strand_id   A
#
loop_
_chem_comp.id
_chem_comp.type
_chem_comp.name
_chem_comp.formula
E8N non-polymer 1-ethyl-1-methyl-cyclohexane 'C9 H18'
FMT non-polymer 'FORMIC ACID' 'C H2 O2'
GOL non-polymer GLYCEROL 'C3 H8 O3'
SO4 non-polymer 'SULFATE ION' 'O4 S -2'
X3T non-polymer cyclohexa-2,5-diene-1,1-diol 'C6 H8 O2'
ZN non-polymer 'ZINC ION' 'Zn 2'
#
# COMPACT_ATOMS: atom_id res chain seq x y z
N ASP A 2 -20.27 5.68 -0.91
CA ASP A 2 -21.00 4.39 -1.00
C ASP A 2 -20.42 3.54 -2.13
N ARG A 3 -19.45 4.09 -2.87
CA ARG A 3 -18.79 3.30 -3.95
C ARG A 3 -17.27 3.50 -3.93
N ILE A 4 -16.51 2.41 -4.10
CA ILE A 4 -15.05 2.47 -4.20
C ILE A 4 -14.68 2.17 -5.64
N ASN A 5 -13.83 3.01 -6.22
CA ASN A 5 -13.39 2.77 -7.60
C ASN A 5 -12.34 1.65 -7.63
N THR A 6 -12.56 0.68 -8.50
CA THR A 6 -11.59 -0.38 -8.78
C THR A 6 -11.22 -0.33 -10.26
N VAL A 7 -10.25 -1.16 -10.66
CA VAL A 7 -9.84 -1.20 -12.07
C VAL A 7 -10.89 -1.78 -12.98
N ARG A 8 -11.96 -2.36 -12.42
CA ARG A 8 -13.09 -2.84 -13.20
C ARG A 8 -14.35 -2.03 -12.95
N GLY A 9 -14.24 -0.87 -12.31
CA GLY A 9 -15.38 -0.01 -12.08
C GLY A 9 -15.72 0.13 -10.61
N PRO A 10 -16.82 0.81 -10.31
CA PRO A 10 -17.20 1.00 -8.89
C PRO A 10 -17.72 -0.28 -8.27
N ILE A 11 -17.36 -0.49 -7.01
CA ILE A 11 -17.90 -1.59 -6.22
C ILE A 11 -18.53 -1.02 -4.95
N THR A 12 -19.49 -1.77 -4.41
CA THR A 12 -20.06 -1.36 -3.14
C THR A 12 -19.11 -1.68 -2.01
N ILE A 13 -19.37 -1.05 -0.86
CA ILE A 13 -18.51 -1.25 0.29
C ILE A 13 -18.58 -2.71 0.76
N SER A 14 -19.77 -3.32 0.70
CA SER A 14 -19.91 -4.72 1.07
C SER A 14 -19.12 -5.65 0.14
N GLU A 15 -18.98 -5.27 -1.13
CA GLU A 15 -18.27 -6.12 -2.09
C GLU A 15 -16.77 -6.16 -1.83
N ALA A 16 -16.20 -5.17 -1.15
CA ALA A 16 -14.76 -5.16 -0.93
C ALA A 16 -14.31 -6.37 -0.11
N GLY A 17 -15.04 -6.71 0.93
CA GLY A 17 -14.68 -7.87 1.74
C GLY A 17 -13.29 -7.74 2.35
N PHE A 18 -12.66 -8.90 2.59
CA PHE A 18 -11.30 -8.96 3.13
C PHE A 18 -10.36 -8.24 2.16
N THR A 19 -9.72 -7.17 2.64
CA THR A 19 -8.94 -6.29 1.79
C THR A 19 -7.52 -6.16 2.31
N LEU A 20 -6.55 -6.36 1.42
CA LEU A 20 -5.15 -6.07 1.69
C LEU A 20 -4.88 -4.66 1.20
N THR A 21 -4.43 -3.78 2.08
CA THR A 21 -4.44 -2.35 1.81
C THR A 21 -3.13 -1.79 1.23
N HIS A 22 -2.08 -2.60 1.11
CA HIS A 22 -0.82 -2.12 0.53
C HIS A 22 -0.15 -3.29 -0.16
N GLU A 23 -0.31 -3.35 -1.49
CA GLU A 23 0.24 -4.43 -2.31
C GLU A 23 0.65 -3.83 -3.66
N HIS A 24 1.32 -4.66 -4.47
CA HIS A 24 1.70 -4.27 -5.81
C HIS A 24 1.58 -5.48 -6.73
N ILE A 25 1.00 -5.29 -7.91
CA ILE A 25 1.16 -6.32 -8.93
C ILE A 25 2.61 -6.36 -9.40
N CYS A 26 3.17 -5.18 -9.65
CA CYS A 26 4.54 -5.08 -10.16
C CYS A 26 5.16 -3.79 -9.66
N GLY A 27 6.32 -3.91 -9.02
CA GLY A 27 7.07 -2.74 -8.59
C GLY A 27 8.11 -2.39 -9.64
N SER A 28 7.87 -1.32 -10.38
CA SER A 28 8.65 -1.02 -11.58
C SER A 28 8.84 0.48 -11.70
N SER A 29 8.99 0.96 -12.93
CA SER A 29 9.14 2.38 -13.22
C SER A 29 8.28 2.73 -14.42
N ALA A 30 7.91 4.00 -14.55
CA ALA A 30 7.02 4.42 -15.64
C ALA A 30 7.60 4.01 -16.99
N GLY A 31 6.77 3.35 -17.80
CA GLY A 31 7.15 2.94 -19.14
C GLY A 31 8.04 1.72 -19.23
N PHE A 32 8.53 1.19 -18.11
CA PHE A 32 9.54 0.14 -18.12
C PHE A 32 8.99 -1.18 -18.64
N LEU A 33 7.80 -1.58 -18.17
CA LEU A 33 7.23 -2.85 -18.63
C LEU A 33 6.93 -2.81 -20.13
N ARG A 34 6.51 -1.65 -20.64
CA ARG A 34 6.28 -1.51 -22.08
C ARG A 34 7.58 -1.62 -22.88
N ALA A 35 8.65 -1.03 -22.35
CA ALA A 35 9.89 -0.93 -23.11
C ALA A 35 10.80 -2.14 -22.96
N TRP A 36 10.67 -2.89 -21.87
CA TRP A 36 11.60 -4.00 -21.63
C TRP A 36 10.86 -5.14 -20.94
N PRO A 37 9.82 -5.69 -21.58
CA PRO A 37 9.07 -6.77 -20.93
C PRO A 37 9.91 -8.01 -20.68
N GLU A 38 10.97 -8.23 -21.46
CA GLU A 38 11.83 -9.39 -21.26
C GLU A 38 12.52 -9.36 -19.90
N PHE A 39 12.61 -8.20 -19.25
CA PHE A 39 13.18 -8.16 -17.91
C PHE A 39 12.40 -9.08 -16.96
N PHE A 40 11.10 -9.23 -17.19
CA PHE A 40 10.22 -10.06 -16.40
C PHE A 40 10.02 -11.44 -17.03
N GLY A 41 10.91 -11.85 -17.92
CA GLY A 41 10.68 -13.01 -18.75
C GLY A 41 9.87 -12.61 -19.95
N SER A 42 8.60 -12.29 -19.71
CA SER A 42 7.71 -11.72 -20.71
C SER A 42 6.55 -11.08 -19.94
N ARG A 43 5.81 -10.22 -20.64
CA ARG A 43 4.58 -9.69 -20.04
C ARG A 43 3.62 -10.82 -19.68
N ALA A 44 3.50 -11.83 -20.56
CA ALA A 44 2.56 -12.92 -20.30
C ALA A 44 2.99 -13.73 -19.08
N ALA A 45 4.29 -13.91 -18.87
CA ALA A 45 4.76 -14.61 -17.68
C ALA A 45 4.42 -13.85 -16.41
N LEU A 46 4.58 -12.52 -16.44
CA LEU A 46 4.22 -11.69 -15.30
C LEU A 46 2.73 -11.78 -15.01
N VAL A 47 1.90 -11.67 -16.04
CA VAL A 47 0.45 -11.82 -15.87
C VAL A 47 0.13 -13.17 -15.23
N GLU A 48 0.70 -14.25 -15.78
CA GLU A 48 0.38 -15.58 -15.28
C GLU A 48 0.78 -15.74 -13.82
N LYS A 49 1.96 -15.22 -13.46
CA LYS A 49 2.41 -15.30 -12.07
C LYS A 49 1.48 -14.52 -11.15
N ALA A 50 1.07 -13.33 -11.58
CA ALA A 50 0.18 -12.52 -10.75
C ALA A 50 -1.19 -13.18 -10.60
N VAL A 51 -1.73 -13.75 -11.67
CA VAL A 51 -3.04 -14.40 -11.60
C VAL A 51 -2.98 -15.60 -10.66
N ARG A 52 -1.92 -16.42 -10.76
CA ARG A 52 -1.80 -17.56 -9.86
C ARG A 52 -1.68 -17.10 -8.41
N GLY A 53 -0.91 -16.03 -8.18
CA GLY A 53 -0.75 -15.53 -6.83
C GLY A 53 -2.05 -14.97 -6.26
N LEU A 54 -2.78 -14.22 -7.07
CA LEU A 54 -4.04 -13.66 -6.59
C LEU A 54 -5.10 -14.74 -6.42
N ARG A 55 -5.08 -15.78 -7.25
CA ARG A 55 -6.01 -16.88 -7.05
C ARG A 55 -5.76 -17.60 -5.74
N ARG A 56 -4.49 -17.81 -5.39
CA ARG A 56 -4.17 -18.41 -4.09
C ARG A 56 -4.57 -17.50 -2.94
N ALA A 57 -4.41 -16.18 -3.11
CA ALA A 57 -4.87 -15.26 -2.08
C ALA A 57 -6.39 -15.31 -1.93
N ARG A 58 -7.10 -15.38 -3.07
CA ARG A 58 -8.56 -15.48 -3.00
C ARG A 58 -9.00 -16.74 -2.29
N ALA A 59 -8.31 -17.87 -2.55
CA ALA A 59 -8.69 -19.12 -1.90
C ALA A 59 -8.49 -19.02 -0.39
N ALA A 60 -7.54 -18.20 0.06
CA ALA A 60 -7.27 -17.97 1.47
C ALA A 60 -8.21 -16.94 2.09
N GLY A 61 -9.07 -16.31 1.31
CA GLY A 61 -10.07 -15.40 1.82
C GLY A 61 -9.98 -13.97 1.33
N VAL A 62 -8.90 -13.59 0.62
CA VAL A 62 -8.77 -12.22 0.15
C VAL A 62 -9.80 -11.95 -0.95
N ARG A 63 -10.44 -10.78 -0.89
CA ARG A 63 -11.38 -10.39 -1.93
C ARG A 63 -10.97 -9.15 -2.69
N THR A 64 -10.17 -8.26 -2.09
CA THR A 64 -9.73 -7.03 -2.71
C THR A 64 -8.29 -6.77 -2.29
N ILE A 65 -7.49 -6.25 -3.22
CA ILE A 65 -6.20 -5.66 -2.86
C ILE A 65 -6.20 -4.21 -3.31
N VAL A 66 -5.48 -3.38 -2.57
CA VAL A 66 -5.19 -2.02 -2.98
C VAL A 66 -3.78 -2.02 -3.55
N ASP A 67 -3.66 -1.82 -4.85
CA ASP A 67 -2.35 -1.72 -5.50
C ASP A 67 -1.90 -0.26 -5.36
N VAL A 68 -0.89 -0.03 -4.53
CA VAL A 68 -0.45 1.32 -4.22
C VAL A 68 0.69 1.76 -5.13
N SER A 69 0.79 1.14 -6.30
CA SER A 69 1.73 1.58 -7.32
C SER A 69 1.26 2.88 -7.94
N THR A 70 2.12 3.89 -7.90
CA THR A 70 1.88 5.18 -8.51
C THR A 70 2.44 5.17 -9.93
N PHE A 71 2.25 6.30 -10.63
CA PHE A 71 2.90 6.58 -11.91
C PHE A 71 4.37 6.15 -11.92
N ASP A 72 5.13 6.56 -10.89
CA ASP A 72 6.58 6.32 -10.88
C ASP A 72 6.97 4.94 -10.37
N ILE A 73 6.02 4.14 -9.87
CA ILE A 73 6.21 2.70 -9.69
C ILE A 73 5.90 1.95 -10.98
N GLY A 74 5.57 2.67 -12.05
CA GLY A 74 5.25 2.01 -13.29
C GLY A 74 3.90 1.35 -13.31
N ARG A 75 2.98 1.80 -12.48
CA ARG A 75 1.58 1.34 -12.49
C ARG A 75 1.07 1.24 -13.91
N ASP A 76 0.57 0.06 -14.26
CA ASP A 76 -0.05 -0.20 -15.55
C ASP A 76 -1.48 -0.68 -15.25
N VAL A 77 -2.45 0.24 -15.32
CA VAL A 77 -3.80 -0.13 -14.91
C VAL A 77 -4.42 -1.16 -15.83
N SER A 78 -4.00 -1.21 -17.09
N SER A 78 -3.99 -1.20 -17.10
CA SER A 78 -4.49 -2.25 -17.99
CA SER A 78 -4.48 -2.25 -18.00
C SER A 78 -4.01 -3.63 -17.54
C SER A 78 -4.01 -3.63 -17.54
N LEU A 79 -2.78 -3.71 -17.04
CA LEU A 79 -2.29 -4.96 -16.45
C LEU A 79 -3.09 -5.33 -15.21
N LEU A 80 -3.34 -4.34 -14.34
CA LEU A 80 -4.13 -4.61 -13.14
C LEU A 80 -5.52 -5.10 -13.50
N ALA A 81 -6.15 -4.50 -14.52
CA ALA A 81 -7.49 -4.93 -14.91
C ALA A 81 -7.49 -6.36 -15.42
N GLU A 82 -6.50 -6.70 -16.25
CA GLU A 82 -6.41 -8.06 -16.78
C GLU A 82 -6.26 -9.09 -15.66
N VAL A 83 -5.38 -8.81 -14.70
CA VAL A 83 -5.13 -9.74 -13.60
C VAL A 83 -6.35 -9.81 -12.69
N SER A 84 -7.01 -8.67 -12.46
CA SER A 84 -8.19 -8.64 -11.60
C SER A 84 -9.32 -9.48 -12.19
N ARG A 85 -9.55 -9.36 -13.50
CA ARG A 85 -10.59 -10.16 -14.14
C ARG A 85 -10.28 -11.64 -14.09
N ALA A 86 -9.04 -12.01 -14.39
CA ALA A 86 -8.68 -13.44 -14.44
C ALA A 86 -8.69 -14.08 -13.06
N ALA A 87 -8.37 -13.33 -12.01
CA ALA A 87 -8.25 -13.90 -10.68
C ALA A 87 -9.52 -13.75 -9.84
N ASP A 88 -10.48 -12.94 -10.28
CA ASP A 88 -11.69 -12.64 -9.49
C ASP A 88 -11.35 -12.00 -8.15
N VAL A 89 -10.38 -11.07 -8.16
CA VAL A 89 -10.02 -10.27 -6.99
C VAL A 89 -10.11 -8.81 -7.40
N HIS A 90 -10.86 -8.01 -6.64
CA HIS A 90 -10.92 -6.58 -6.91
C HIS A 90 -9.56 -5.94 -6.68
N ILE A 91 -9.21 -4.98 -7.53
CA ILE A 91 -7.98 -4.21 -7.36
C ILE A 91 -8.31 -2.72 -7.39
N VAL A 92 -7.97 -2.02 -6.32
CA VAL A 92 -8.05 -0.56 -6.28
C VAL A 92 -6.71 0.00 -6.75
N ALA A 93 -6.74 0.92 -7.71
CA ALA A 93 -5.51 1.55 -8.20
C ALA A 93 -5.25 2.87 -7.48
N ALA A 94 -4.01 3.33 -7.59
CA ALA A 94 -3.56 4.52 -6.88
C ALA A 94 -3.13 5.62 -7.84
N THR A 95 -3.28 6.86 -7.38
CA THR A 95 -2.56 8.00 -7.90
C THR A 95 -1.52 8.43 -6.87
N GLY A 96 -0.91 9.60 -7.08
CA GLY A 96 0.15 10.09 -6.21
C GLY A 96 1.52 9.93 -6.84
N LEU A 97 2.55 10.14 -6.00
CA LEU A 97 3.93 9.92 -6.41
C LEU A 97 4.72 9.29 -5.28
N TRP A 98 5.56 8.34 -5.65
CA TRP A 98 6.44 7.58 -4.77
C TRP A 98 7.82 8.25 -4.75
N GLU A 99 8.88 7.52 -4.42
CA GLU A 99 10.20 8.08 -4.20
C GLU A 99 11.04 8.24 -5.49
N ASP A 100 10.49 7.96 -6.67
CA ASP A 100 11.27 8.05 -7.91
C ASP A 100 10.58 8.89 -9.00
N PRO A 101 10.07 10.09 -8.68
CA PRO A 101 9.43 10.91 -9.71
C PRO A 101 10.45 11.38 -10.73
N PRO A 102 10.11 11.40 -12.01
CA PRO A 102 11.01 11.95 -13.03
C PRO A 102 10.95 13.47 -13.03
N LEU A 103 11.84 14.07 -13.84
CA LEU A 103 11.94 15.53 -13.90
C LEU A 103 10.62 16.18 -14.23
N SER A 104 9.82 15.58 -15.13
CA SER A 104 8.58 16.22 -15.53
C SER A 104 7.57 16.29 -14.40
N MET A 105 7.71 15.45 -13.37
CA MET A 105 6.94 15.60 -12.13
C MET A 105 7.63 16.50 -11.13
N ARG A 106 8.95 16.30 -10.92
CA ARG A 106 9.70 17.01 -9.88
C ARG A 106 9.72 18.52 -10.06
N LEU A 107 9.49 19.01 -11.27
CA LEU A 107 9.52 20.44 -11.56
CA LEU A 107 9.53 20.45 -11.47
C LEU A 107 8.15 21.10 -11.40
N ARG A 108 7.13 20.34 -11.03
CA ARG A 108 5.77 20.86 -10.98
C ARG A 108 5.46 21.54 -9.65
N SER A 109 4.49 22.45 -9.72
CA SER A 109 4.01 23.18 -8.54
C SER A 109 2.96 22.36 -7.79
N VAL A 110 2.61 22.82 -6.58
CA VAL A 110 1.58 22.15 -5.80
C VAL A 110 0.24 22.15 -6.56
N GLU A 111 -0.05 23.23 -7.28
CA GLU A 111 -1.30 23.32 -8.02
C GLU A 111 -1.30 22.36 -9.20
N GLU A 112 -0.20 22.29 -9.94
CA GLU A 112 -0.09 21.35 -11.05
C GLU A 112 -0.23 19.91 -10.57
N LEU A 113 0.46 19.56 -9.48
CA LEU A 113 0.36 18.20 -8.95
C LEU A 113 -1.06 17.87 -8.51
N THR A 114 -1.75 18.84 -7.91
CA THR A 114 -3.13 18.59 -7.54
C THR A 114 -3.99 18.30 -8.76
N GLN A 115 -3.79 19.05 -9.86
CA GLN A 115 -4.51 18.75 -11.09
C GLN A 115 -4.23 17.34 -11.57
N PHE A 116 -2.96 16.90 -11.51
CA PHE A 116 -2.65 15.56 -11.98
C PHE A 116 -3.31 14.49 -11.11
N PHE A 117 -3.25 14.64 -9.77
CA PHE A 117 -3.87 13.64 -8.91
C PHE A 117 -5.38 13.61 -9.11
N LEU A 118 -5.99 14.80 -9.21
CA LEU A 118 -7.43 14.87 -9.48
C LEU A 118 -7.78 14.26 -10.84
N ARG A 119 -6.91 14.41 -11.84
CA ARG A 119 -7.18 13.77 -13.13
C ARG A 119 -7.36 12.28 -12.95
N GLU A 120 -6.46 11.66 -12.19
CA GLU A 120 -6.45 10.21 -12.07
C GLU A 120 -7.58 9.71 -11.19
N ILE A 121 -8.04 10.53 -10.23
CA ILE A 121 -9.18 10.16 -9.38
C ILE A 121 -10.52 10.42 -10.08
N GLN A 122 -10.66 11.56 -10.76
CA GLN A 122 -11.96 12.06 -11.19
C GLN A 122 -12.26 11.78 -12.65
N TYR A 123 -11.23 11.64 -13.48
CA TYR A 123 -11.41 11.48 -14.92
C TYR A 123 -10.94 10.10 -15.36
N GLY A 124 -9.69 9.77 -15.11
CA GLY A 124 -9.16 8.46 -15.46
C GLY A 124 -7.67 8.49 -15.58
N ILE A 125 -7.09 7.30 -15.52
CA ILE A 125 -5.66 7.10 -15.71
C ILE A 125 -5.40 6.82 -17.18
N GLU A 126 -4.26 7.20 -17.69
CA GLU A 126 -4.10 7.84 -18.98
C GLU A 126 -5.32 7.86 -19.89
N ASP A 127 -5.57 6.85 -20.75
CA ASP A 127 -6.72 6.90 -21.64
C ASP A 127 -7.69 5.77 -21.36
N THR A 128 -7.62 5.20 -20.16
CA THR A 128 -8.31 3.96 -19.85
C THR A 128 -9.67 4.18 -19.21
N GLY A 129 -9.96 5.37 -18.71
CA GLY A 129 -11.16 5.58 -17.92
C GLY A 129 -11.14 4.95 -16.54
N ILE A 130 -10.08 4.22 -16.18
CA ILE A 130 -9.97 3.63 -14.86
C ILE A 130 -9.56 4.72 -13.87
N ARG A 131 -10.29 4.83 -12.77
CA ARG A 131 -10.07 5.89 -11.79
C ARG A 131 -9.41 5.35 -10.52
N ALA A 132 -8.48 6.13 -9.98
CA ALA A 132 -7.80 5.76 -8.73
C ALA A 132 -8.76 5.86 -7.54
N GLY A 133 -8.58 4.93 -6.59
CA GLY A 133 -9.30 4.93 -5.33
C GLY A 133 -8.48 5.28 -4.12
N ILE A 134 -7.21 5.66 -4.29
CA ILE A 134 -6.33 6.02 -3.18
C ILE A 134 -5.22 6.88 -3.74
N ILE A 135 -4.62 7.71 -2.89
CA ILE A 135 -3.47 8.54 -3.23
C ILE A 135 -2.27 8.06 -2.43
N LYS A 136 -1.19 7.70 -3.11
CA LYS A 136 0.02 7.22 -2.46
C LYS A 136 1.10 8.30 -2.51
N VAL A 137 1.79 8.53 -1.39
CA VAL A 137 2.89 9.50 -1.31
C VAL A 137 4.04 8.88 -0.53
N ALA A 138 5.19 9.57 -0.54
CA ALA A 138 6.40 8.98 0.05
C ALA A 138 7.36 10.02 0.58
N THR A 139 8.01 9.69 1.70
CA THR A 139 9.24 10.34 2.14
C THR A 139 10.19 9.26 2.62
N ASN A 140 11.49 9.58 2.65
CA ASN A 140 12.51 8.70 3.25
C ASN A 140 13.38 9.58 4.14
N GLY A 141 12.92 9.84 5.35
CA GLY A 141 13.52 10.85 6.18
C GLY A 141 12.85 12.18 5.92
N LYS A 142 13.53 13.27 6.31
CA LYS A 142 13.00 14.61 6.12
C LYS A 142 12.58 14.82 4.68
N ALA A 143 11.38 15.38 4.49
CA ALA A 143 10.85 15.53 3.15
C ALA A 143 11.74 16.46 2.32
N THR A 144 11.96 16.09 1.06
CA THR A 144 12.57 17.04 0.13
C THR A 144 11.56 18.15 -0.15
N PRO A 145 12.02 19.30 -0.67
CA PRO A 145 11.05 20.35 -1.05
C PRO A 145 9.95 19.85 -1.98
N PHE A 146 10.30 19.01 -2.95
CA PHE A 146 9.27 18.49 -3.85
C PHE A 146 8.31 17.56 -3.12
N GLN A 147 8.83 16.71 -2.24
CA GLN A 147 7.95 15.82 -1.48
C GLN A 147 6.97 16.61 -0.62
N GLU A 148 7.37 17.78 -0.09
CA GLU A 148 6.40 18.62 0.62
C GLU A 148 5.25 19.01 -0.30
N LEU A 149 5.57 19.36 -1.55
CA LEU A 149 4.51 19.72 -2.50
C LEU A 149 3.62 18.53 -2.79
N VAL A 150 4.20 17.33 -2.93
CA VAL A 150 3.42 16.13 -3.18
C VAL A 150 2.45 15.88 -2.05
N LEU A 151 2.93 16.00 -0.80
CA LEU A 151 2.08 15.74 0.35
C LEU A 151 0.93 16.73 0.39
N ARG A 152 1.22 18.01 0.09
CA ARG A 152 0.18 19.02 0.07
C ARG A 152 -0.84 18.79 -1.04
N ALA A 153 -0.35 18.41 -2.23
CA ALA A 153 -1.25 18.14 -3.35
C ALA A 153 -2.13 16.92 -3.07
N ALA A 154 -1.56 15.89 -2.40
CA ALA A 154 -2.35 14.74 -2.00
C ALA A 154 -3.46 15.15 -1.05
N ALA A 155 -3.13 16.01 -0.08
CA ALA A 155 -4.16 16.50 0.84
C ALA A 155 -5.25 17.26 0.09
N ARG A 156 -4.87 18.12 -0.87
CA ARG A 156 -5.87 18.86 -1.62
C ARG A 156 -6.75 17.95 -2.47
N ALA A 157 -6.13 16.93 -3.10
CA ALA A 157 -6.94 16.00 -3.89
C ALA A 157 -7.89 15.22 -2.99
N SER A 158 -7.43 14.82 -1.81
CA SER A 158 -8.30 14.09 -0.88
C SER A 158 -9.44 14.98 -0.38
N LEU A 159 -9.12 16.24 -0.06
CA LEU A 159 -10.16 17.17 0.41
C LEU A 159 -11.22 17.43 -0.65
N ALA A 160 -10.86 17.35 -1.92
CA ALA A 160 -11.84 17.59 -2.97
C ALA A 160 -12.70 16.36 -3.26
N THR A 161 -12.19 15.16 -3.02
CA THR A 161 -12.82 13.94 -3.51
C THR A 161 -13.24 12.97 -2.42
N GLY A 162 -12.66 13.07 -1.23
CA GLY A 162 -12.90 12.10 -0.19
C GLY A 162 -12.06 10.85 -0.27
N VAL A 163 -11.24 10.71 -1.30
CA VAL A 163 -10.39 9.53 -1.45
C VAL A 163 -9.25 9.58 -0.43
N PRO A 164 -8.87 8.47 0.20
CA PRO A 164 -7.85 8.54 1.25
C PRO A 164 -6.43 8.62 0.70
N VAL A 165 -5.52 8.92 1.62
CA VAL A 165 -4.08 9.03 1.35
C VAL A 165 -3.38 7.91 2.12
N THR A 166 -2.40 7.28 1.47
CA THR A 166 -1.58 6.29 2.14
C THR A 166 -0.11 6.62 1.87
N THR A 167 0.76 6.36 2.84
CA THR A 167 2.13 6.86 2.75
C THR A 167 3.17 5.76 2.86
N HIS A 168 4.29 6.02 2.19
CA HIS A 168 5.55 5.32 2.42
C HIS A 168 6.36 6.17 3.39
N THR A 169 6.95 5.53 4.40
CA THR A 169 7.84 6.20 5.33
C THR A 169 9.15 5.43 5.43
N LEU A 170 10.19 6.15 5.90
CA LEU A 170 11.34 5.56 6.57
C LEU A 170 11.00 5.61 8.05
N ALA A 171 10.44 4.50 8.55
CA ALA A 171 9.83 4.52 9.88
C ALA A 171 10.85 4.82 10.98
N SER A 172 12.11 4.39 10.79
CA SER A 172 13.14 4.67 11.78
C SER A 172 13.42 6.16 11.95
N GLN A 173 13.07 6.98 10.96
CA GLN A 173 13.21 8.42 11.06
C GLN A 173 11.92 9.11 11.49
N ARG A 174 10.91 8.33 11.84
CA ARG A 174 9.64 8.86 12.35
C ARG A 174 8.97 9.81 11.35
N ASP A 175 9.04 9.45 10.06
CA ASP A 175 8.56 10.34 8.99
C ASP A 175 7.09 10.69 9.16
N GLY A 176 6.30 9.78 9.75
CA GLY A 176 4.88 10.04 9.92
C GLY A 176 4.60 11.35 10.66
N GLU A 177 5.52 11.77 11.53
CA GLU A 177 5.33 13.03 12.25
C GLU A 177 5.33 14.22 11.31
N GLN A 178 6.31 14.29 10.41
CA GLN A 178 6.34 15.41 9.46
C GLN A 178 5.22 15.30 8.43
N GLN A 179 4.91 14.07 7.99
CA GLN A 179 3.81 13.89 7.05
C GLN A 179 2.50 14.39 7.65
N ALA A 180 2.24 14.01 8.90
CA ALA A 180 1.05 14.48 9.61
C ALA A 180 1.01 16.00 9.71
N ALA A 181 2.14 16.62 10.02
CA ALA A 181 2.17 18.07 10.16
C ALA A 181 1.82 18.75 8.84
N ILE A 182 2.31 18.21 7.73
CA ILE A 182 2.03 18.82 6.45
C ILE A 182 0.57 18.60 6.06
N PHE A 183 0.07 17.37 6.21
CA PHE A 183 -1.33 17.09 5.91
C PHE A 183 -2.24 17.99 6.73
N GLU A 184 -1.96 18.13 8.03
CA GLU A 184 -2.84 18.92 8.89
C GLU A 184 -2.76 20.41 8.55
N SER A 185 -1.60 20.88 8.09
CA SER A 185 -1.48 22.27 7.65
C SER A 185 -2.39 22.56 6.46
N GLU A 186 -2.72 21.54 5.66
CA GLU A 186 -3.65 21.70 4.55
C GLU A 186 -5.09 21.43 4.96
N GLY A 187 -5.34 21.05 6.20
CA GLY A 187 -6.69 20.79 6.66
C GLY A 187 -7.21 19.38 6.48
N LEU A 188 -6.34 18.41 6.19
CA LEU A 188 -6.78 17.04 5.96
C LEU A 188 -7.06 16.34 7.29
N SER A 189 -8.16 15.58 7.34
CA SER A 189 -8.47 14.81 8.54
C SER A 189 -7.54 13.60 8.65
N PRO A 190 -6.96 13.35 9.82
CA PRO A 190 -6.14 12.12 9.98
C PRO A 190 -6.88 10.84 9.67
N SER A 191 -8.21 10.82 9.82
CA SER A 191 -9.01 9.64 9.49
C SER A 191 -8.98 9.30 8.00
N ARG A 192 -8.43 10.18 7.17
CA ARG A 192 -8.29 9.90 5.75
C ARG A 192 -6.89 9.48 5.38
N VAL A 193 -6.02 9.20 6.35
CA VAL A 193 -4.60 8.99 6.10
C VAL A 193 -4.12 7.72 6.79
N CYS A 194 -3.44 6.87 6.04
CA CYS A 194 -2.71 5.75 6.59
C CYS A 194 -1.21 6.03 6.49
N ILE A 195 -0.52 6.01 7.63
CA ILE A 195 0.93 6.15 7.67
C ILE A 195 1.51 4.74 7.52
N GLY A 196 2.11 4.47 6.36
CA GLY A 196 2.51 3.12 6.02
C GLY A 196 3.95 2.80 6.39
N HIS A 197 4.29 1.53 6.17
CA HIS A 197 5.56 0.93 6.61
C HIS A 197 5.80 1.12 8.11
N SER A 198 4.72 1.27 8.87
CA SER A 198 4.87 1.51 10.29
C SER A 198 5.29 0.27 11.06
N ASP A 199 5.19 -0.92 10.46
CA ASP A 199 5.73 -2.12 11.09
C ASP A 199 7.25 -2.22 10.95
N ASP A 200 7.90 -1.28 10.26
CA ASP A 200 9.35 -1.26 10.16
C ASP A 200 10.02 -0.77 11.44
N THR A 201 9.25 -0.29 12.42
CA THR A 201 9.80 0.23 13.66
C THR A 201 9.15 -0.47 14.86
N ASP A 202 9.89 -0.50 15.97
CA ASP A 202 9.35 -0.97 17.25
C ASP A 202 8.99 0.16 18.19
N ASP A 203 9.10 1.42 17.75
CA ASP A 203 8.93 2.59 18.61
C ASP A 203 7.44 2.84 18.85
N LEU A 204 6.97 2.41 20.01
CA LEU A 204 5.57 2.57 20.37
C LEU A 204 5.21 4.01 20.66
N SER A 205 6.17 4.83 21.09
N SER A 205 6.17 4.83 21.09
CA SER A 205 5.87 6.25 21.30
CA SER A 205 5.84 6.23 21.29
C SER A 205 5.51 6.91 19.98
N TYR A 206 6.25 6.58 18.92
CA TYR A 206 5.96 7.11 17.60
C TYR A 206 4.63 6.60 17.08
N LEU A 207 4.40 5.28 17.16
CA LEU A 207 3.16 4.72 16.62
C LEU A 207 1.93 5.23 17.37
N THR A 208 1.99 5.28 18.70
CA THR A 208 0.83 5.75 19.43
C THR A 208 0.63 7.25 19.29
N ALA A 209 1.70 8.02 19.05
CA ALA A 209 1.50 9.44 18.81
C ALA A 209 0.72 9.68 17.54
N LEU A 210 0.98 8.88 16.50
CA LEU A 210 0.17 8.97 15.28
C LEU A 210 -1.25 8.50 15.52
N ALA A 211 -1.41 7.32 16.15
CA ALA A 211 -2.75 6.78 16.35
C ALA A 211 -3.59 7.68 17.25
N ALA A 212 -2.98 8.29 18.26
CA ALA A 212 -3.73 9.15 19.17
C ALA A 212 -4.35 10.35 18.44
N ARG A 213 -3.70 10.84 17.38
CA ARG A 213 -4.21 11.96 16.58
C ARG A 213 -5.30 11.54 15.60
N GLY A 214 -5.49 10.24 15.39
CA GLY A 214 -6.51 9.74 14.50
C GLY A 214 -6.01 9.08 13.24
N TYR A 215 -4.70 8.97 13.03
CA TYR A 215 -4.17 8.33 11.83
C TYR A 215 -4.43 6.84 11.84
N LEU A 216 -4.60 6.28 10.64
CA LEU A 216 -4.54 4.84 10.49
C LEU A 216 -3.08 4.44 10.38
N ILE A 217 -2.77 3.26 10.89
CA ILE A 217 -1.41 2.78 11.02
C ILE A 217 -1.24 1.58 10.08
N GLY A 218 -0.37 1.73 9.08
CA GLY A 218 -0.16 0.69 8.09
C GLY A 218 0.92 -0.26 8.53
N LEU A 219 0.52 -1.43 9.03
CA LEU A 219 1.44 -2.49 9.38
C LEU A 219 1.43 -3.41 8.17
N ASP A 220 2.21 -3.01 7.16
CA ASP A 220 1.97 -3.44 5.79
C ASP A 220 3.06 -4.30 5.19
N GLY A 221 4.09 -4.64 5.94
CA GLY A 221 5.17 -5.45 5.39
C GLY A 221 5.46 -6.68 6.23
N ILE A 222 4.42 -7.30 6.78
CA ILE A 222 4.61 -8.38 7.77
C ILE A 222 5.59 -9.47 7.34
N PRO A 223 5.54 -9.99 6.11
CA PRO A 223 6.47 -11.06 5.75
C PRO A 223 7.85 -10.57 5.35
N HIS A 224 8.14 -9.27 5.42
CA HIS A 224 9.43 -8.76 4.98
C HIS A 224 10.47 -9.06 6.05
N SER A 225 11.34 -10.03 5.78
CA SER A 225 12.40 -10.32 6.72
C SER A 225 13.53 -11.05 5.99
N ALA A 226 14.76 -10.67 6.30
CA ALA A 226 15.94 -11.34 5.79
C ALA A 226 16.59 -12.26 6.81
N ILE A 227 15.88 -12.59 7.90
CA ILE A 227 16.41 -13.56 8.86
C ILE A 227 16.59 -14.90 8.16
N GLY A 228 17.75 -15.51 8.34
CA GLY A 228 18.02 -16.77 7.70
C GLY A 228 18.49 -16.67 6.26
N LEU A 229 18.69 -15.46 5.75
CA LEU A 229 19.35 -15.24 4.47
C LEU A 229 20.81 -14.96 4.77
N GLU A 230 21.67 -15.93 4.49
CA GLU A 230 23.09 -15.83 4.83
C GLU A 230 23.79 -14.88 3.85
N ASP A 231 24.29 -13.76 4.37
CA ASP A 231 25.22 -12.90 3.65
C ASP A 231 24.66 -12.35 2.34
N ASN A 232 23.38 -11.99 2.34
CA ASN A 232 22.76 -11.28 1.22
C ASN A 232 22.56 -9.84 1.67
N ALA A 233 23.52 -8.97 1.31
CA ALA A 233 23.48 -7.58 1.77
C ALA A 233 22.28 -6.83 1.20
N SER A 234 21.98 -7.05 -0.09
CA SER A 234 20.89 -6.30 -0.71
C SER A 234 19.54 -6.69 -0.13
N ALA A 235 19.32 -8.00 0.10
CA ALA A 235 18.07 -8.42 0.70
C ALA A 235 17.95 -7.96 2.15
N SER A 236 19.07 -7.97 2.89
CA SER A 236 19.05 -7.50 4.28
C SER A 236 18.71 -6.02 4.34
N ALA A 237 19.26 -5.22 3.43
CA ALA A 237 18.99 -3.79 3.43
C ALA A 237 17.52 -3.50 3.12
N LEU A 238 16.92 -4.30 2.24
CA LEU A 238 15.54 -4.08 1.84
C LEU A 238 14.55 -4.59 2.87
N LEU A 239 14.78 -5.81 3.38
CA LEU A 239 13.78 -6.52 4.17
C LEU A 239 13.96 -6.38 5.67
N GLY A 240 15.15 -6.02 6.15
CA GLY A 240 15.39 -5.90 7.57
C GLY A 240 15.70 -7.24 8.24
N ASN A 241 16.10 -7.15 9.51
CA ASN A 241 16.48 -8.31 10.30
C ASN A 241 15.49 -8.63 11.41
N ARG A 242 14.34 -7.98 11.43
CA ARG A 242 13.29 -8.30 12.38
C ARG A 242 12.39 -9.38 11.80
N SER A 243 11.94 -10.30 12.64
CA SER A 243 11.15 -11.42 12.17
C SER A 243 9.73 -10.97 11.81
N TRP A 244 9.06 -11.81 11.00
CA TRP A 244 7.65 -11.56 10.72
C TRP A 244 6.81 -11.61 12.00
N GLN A 245 7.18 -12.46 12.95
CA GLN A 245 6.44 -12.51 14.21
C GLN A 245 6.56 -11.19 14.97
N THR A 246 7.77 -10.60 14.99
CA THR A 246 7.94 -9.31 15.64
C THR A 246 7.06 -8.25 15.00
N ARG A 247 7.02 -8.22 13.67
CA ARG A 247 6.15 -7.28 12.96
C ARG A 247 4.69 -7.54 13.30
N ALA A 248 4.28 -8.82 13.26
CA ALA A 248 2.88 -9.16 13.49
C ALA A 248 2.44 -8.82 14.90
N LEU A 249 3.34 -8.94 15.88
CA LEU A 249 2.98 -8.61 17.25
C LEU A 249 2.67 -7.13 17.43
N LEU A 250 3.12 -6.26 16.52
CA LEU A 250 2.70 -4.86 16.59
C LEU A 250 1.20 -4.71 16.37
N ILE A 251 0.60 -5.61 15.60
CA ILE A 251 -0.86 -5.63 15.46
C ILE A 251 -1.51 -5.83 16.82
N LYS A 252 -1.07 -6.86 17.57
CA LYS A 252 -1.58 -7.09 18.91
C LYS A 252 -1.29 -5.91 19.83
N ALA A 253 -0.09 -5.30 19.71
CA ALA A 253 0.27 -4.18 20.57
C ALA A 253 -0.72 -3.03 20.41
N LEU A 254 -1.04 -2.68 19.17
CA LEU A 254 -1.96 -1.58 18.95
C LEU A 254 -3.39 -1.94 19.35
N ILE A 255 -3.80 -3.20 19.16
CA ILE A 255 -5.10 -3.64 19.68
C ILE A 255 -5.16 -3.44 21.20
N ASP A 256 -4.09 -3.86 21.90
CA ASP A 256 -4.07 -3.78 23.35
C ASP A 256 -4.05 -2.35 23.86
N GLN A 257 -3.70 -1.38 23.02
CA GLN A 257 -3.70 0.04 23.38
C GLN A 257 -4.98 0.76 22.99
N GLY A 258 -5.95 0.05 22.40
CA GLY A 258 -7.23 0.65 22.07
C GLY A 258 -7.38 1.09 20.63
N TYR A 259 -6.46 0.70 19.73
CA TYR A 259 -6.45 1.23 18.37
C TYR A 259 -6.89 0.20 17.32
N MET A 260 -7.67 -0.82 17.71
CA MET A 260 -8.05 -1.84 16.74
C MET A 260 -8.71 -1.26 15.49
N LYS A 261 -9.47 -0.17 15.61
CA LYS A 261 -10.17 0.38 14.45
C LYS A 261 -9.27 1.19 13.53
N GLN A 262 -8.00 1.39 13.90
CA GLN A 262 -7.07 2.21 13.13
C GLN A 262 -5.95 1.42 12.51
N ILE A 263 -5.98 0.08 12.61
CA ILE A 263 -4.92 -0.77 12.09
C ILE A 263 -5.28 -1.25 10.69
N LEU A 264 -4.35 -1.13 9.76
CA LEU A 264 -4.47 -1.72 8.43
C LEU A 264 -3.28 -2.65 8.23
N VAL A 265 -3.55 -3.86 7.75
CA VAL A 265 -2.52 -4.90 7.64
C VAL A 265 -2.35 -5.31 6.18
N SER A 266 -1.11 -5.53 5.78
CA SER A 266 -0.88 -6.01 4.41
C SER A 266 0.48 -6.69 4.36
N ASN A 267 0.82 -7.17 3.15
CA ASN A 267 2.09 -7.85 2.89
C ASN A 267 3.12 -6.98 2.19
N ASP A 268 2.69 -5.94 1.47
CA ASP A 268 3.57 -5.20 0.57
C ASP A 268 4.32 -6.17 -0.35
N TRP A 269 3.55 -7.08 -0.93
CA TRP A 269 4.10 -8.06 -1.85
C TRP A 269 4.00 -7.56 -3.28
N LEU A 270 4.65 -8.30 -4.18
CA LEU A 270 4.74 -7.98 -5.60
C LEU A 270 4.87 -9.29 -6.36
N PHE A 271 4.55 -9.24 -7.65
CA PHE A 271 4.80 -10.37 -8.55
C PHE A 271 5.92 -10.09 -9.54
N GLY A 272 6.27 -8.83 -9.72
CA GLY A 272 7.50 -8.46 -10.42
C GLY A 272 8.09 -7.26 -9.70
N PHE A 273 9.41 -7.10 -9.82
CA PHE A 273 10.09 -6.08 -9.03
C PHE A 273 11.36 -5.72 -9.80
N SER A 274 11.30 -4.63 -10.56
CA SER A 274 12.43 -4.17 -11.36
C SER A 274 13.17 -2.98 -10.76
N SER A 275 12.60 -2.30 -9.76
CA SER A 275 13.21 -1.10 -9.21
C SER A 275 14.24 -1.41 -8.13
N TYR A 276 14.70 -2.65 -8.02
CA TYR A 276 15.71 -3.04 -7.04
C TYR A 276 16.68 -3.98 -7.77
N VAL A 277 17.48 -4.72 -7.00
CA VAL A 277 18.49 -5.57 -7.62
C VAL A 277 17.83 -6.69 -8.42
N THR A 278 18.54 -7.16 -9.45
CA THR A 278 18.06 -8.26 -10.25
C THR A 278 17.89 -9.51 -9.37
N ASN A 279 16.83 -10.26 -9.64
CA ASN A 279 16.51 -11.51 -8.94
C ASN A 279 15.97 -11.30 -7.52
N ILE A 280 15.67 -10.06 -7.11
CA ILE A 280 15.09 -9.84 -5.78
C ILE A 280 13.77 -10.56 -5.63
N MET A 281 12.98 -10.66 -6.71
CA MET A 281 11.69 -11.33 -6.61
C MET A 281 11.87 -12.80 -6.25
N ASP A 282 12.91 -13.44 -6.80
CA ASP A 282 13.20 -14.83 -6.45
C ASP A 282 13.57 -14.96 -4.99
N VAL A 283 14.38 -14.03 -4.48
CA VAL A 283 14.77 -14.06 -3.08
C VAL A 283 13.55 -13.88 -2.19
N MET A 284 12.70 -12.92 -2.53
CA MET A 284 11.50 -12.67 -1.72
C MET A 284 10.56 -13.87 -1.76
N ASP A 285 10.39 -14.47 -2.93
CA ASP A 285 9.49 -15.63 -3.03
C ASP A 285 10.00 -16.82 -2.23
N SER A 286 11.32 -16.96 -2.09
CA SER A 286 11.87 -18.01 -1.23
C SER A 286 11.61 -17.71 0.25
N VAL A 287 11.65 -16.44 0.65
CA VAL A 287 11.36 -16.08 2.04
C VAL A 287 9.90 -16.35 2.36
N ASN A 288 8.99 -15.96 1.46
CA ASN A 288 7.54 -16.03 1.68
C ASN A 288 6.87 -16.66 0.48
N PRO A 289 6.85 -18.00 0.41
CA PRO A 289 6.17 -18.66 -0.71
C PRO A 289 4.67 -18.42 -0.74
N ASP A 290 4.07 -17.97 0.38
CA ASP A 290 2.63 -17.69 0.38
C ASP A 290 2.28 -16.38 -0.31
N GLY A 291 3.27 -15.51 -0.53
CA GLY A 291 2.99 -14.25 -1.22
C GLY A 291 1.95 -13.43 -0.50
N MET A 292 0.94 -12.98 -1.24
CA MET A 292 -0.11 -12.17 -0.64
C MET A 292 -1.02 -12.96 0.28
N ALA A 293 -1.01 -14.29 0.19
CA ALA A 293 -1.78 -15.12 1.10
C ALA A 293 -1.14 -15.22 2.48
N PHE A 294 0.03 -14.61 2.69
CA PHE A 294 0.71 -14.70 3.98
C PHE A 294 -0.16 -14.14 5.11
N ILE A 295 -0.81 -13.00 4.90
CA ILE A 295 -1.65 -12.43 5.96
C ILE A 295 -2.74 -13.41 6.41
N PRO A 296 -3.62 -13.91 5.54
CA PRO A 296 -4.65 -14.84 6.03
C PRO A 296 -4.12 -16.19 6.45
N LEU A 297 -3.10 -16.73 5.79
CA LEU A 297 -2.68 -18.10 6.09
C LEU A 297 -1.76 -18.19 7.30
N ARG A 298 -0.95 -17.16 7.57
N ARG A 298 -0.97 -17.15 7.58
CA ARG A 298 0.01 -17.23 8.65
CA ARG A 298 0.03 -17.22 8.63
C ARG A 298 -0.25 -16.22 9.75
C ARG A 298 -0.14 -16.20 9.74
N VAL A 299 -0.49 -14.95 9.40
CA VAL A 299 -0.59 -13.91 10.42
C VAL A 299 -1.85 -14.05 11.25
N ILE A 300 -2.99 -14.26 10.60
CA ILE A 300 -4.24 -14.40 11.34
C ILE A 300 -4.20 -15.58 12.31
N PRO A 301 -3.81 -16.80 11.91
CA PRO A 301 -3.71 -17.88 12.90
C PRO A 301 -2.70 -17.60 14.01
N PHE A 302 -1.59 -16.93 13.68
CA PHE A 302 -0.60 -16.56 14.68
C PHE A 302 -1.21 -15.64 15.74
N LEU A 303 -1.94 -14.61 15.30
CA LEU A 303 -2.55 -13.69 16.24
C LEU A 303 -3.66 -14.36 17.04
N ARG A 304 -4.40 -15.29 16.43
CA ARG A 304 -5.42 -16.03 17.19
C ARG A 304 -4.78 -16.83 18.31
N GLU A 305 -3.64 -17.48 18.02
CA GLU A 305 -2.95 -18.25 19.05
C GLU A 305 -2.42 -17.35 20.17
N LYS A 306 -2.06 -16.11 19.84
CA LYS A 306 -1.61 -15.14 20.83
C LYS A 306 -2.76 -14.47 21.58
N GLY A 307 -4.01 -14.86 21.31
CA GLY A 307 -5.13 -14.39 22.10
C GLY A 307 -6.02 -13.36 21.43
N VAL A 308 -5.72 -12.95 20.19
CA VAL A 308 -6.58 -12.01 19.49
C VAL A 308 -7.81 -12.75 18.98
N SER A 309 -8.97 -12.12 19.09
CA SER A 309 -10.21 -12.77 18.73
C SER A 309 -10.41 -12.75 17.22
N ASN A 310 -11.24 -13.70 16.76
CA ASN A 310 -11.65 -13.71 15.36
C ASN A 310 -12.41 -12.44 14.99
N GLU A 311 -13.28 -11.98 15.89
CA GLU A 311 -14.06 -10.77 15.62
C GLU A 311 -13.15 -9.56 15.40
N THR A 312 -12.14 -9.41 16.25
CA THR A 312 -11.23 -8.27 16.13
C THR A 312 -10.45 -8.33 14.83
N LEU A 313 -10.01 -9.53 14.44
CA LEU A 313 -9.26 -9.65 13.20
C LEU A 313 -10.14 -9.44 11.97
N ALA A 314 -11.41 -9.82 12.03
CA ALA A 314 -12.34 -9.51 10.94
C ALA A 314 -12.58 -8.01 10.86
N GLY A 315 -12.65 -7.32 12.00
CA GLY A 315 -12.75 -5.88 11.96
C GLY A 315 -11.55 -5.23 11.30
N ILE A 316 -10.35 -5.75 11.58
CA ILE A 316 -9.13 -5.17 11.02
C ILE A 316 -9.04 -5.40 9.53
N THR A 317 -9.41 -6.61 9.05
CA THR A 317 -9.22 -6.98 7.66
C THR A 317 -10.43 -6.69 6.77
N VAL A 318 -11.60 -6.44 7.34
CA VAL A 318 -12.79 -6.16 6.55
C VAL A 318 -13.32 -4.77 6.86
N THR A 319 -13.62 -4.50 8.14
CA THR A 319 -14.28 -3.25 8.49
C THR A 319 -13.36 -2.05 8.28
N ASN A 320 -12.13 -2.12 8.78
CA ASN A 320 -11.23 -0.97 8.67
C ASN A 320 -10.92 -0.60 7.22
N PRO A 321 -10.59 -1.54 6.32
CA PRO A 321 -10.32 -1.10 4.94
C PRO A 321 -11.53 -0.47 4.27
N ALA A 322 -12.73 -0.97 4.57
CA ALA A 322 -13.93 -0.40 3.97
C ALA A 322 -14.16 1.02 4.46
N ARG A 323 -13.96 1.27 5.76
CA ARG A 323 -14.10 2.61 6.30
C ARG A 323 -13.06 3.56 5.71
N PHE A 324 -11.85 3.06 5.53
CA PHE A 324 -10.76 3.85 4.98
C PHE A 324 -11.02 4.20 3.52
N LEU A 325 -11.41 3.21 2.71
CA LEU A 325 -11.50 3.39 1.27
C LEU A 325 -12.77 4.12 0.83
N SER A 326 -13.86 3.98 1.58
N SER A 326 -13.87 3.98 1.57
CA SER A 326 -15.11 4.65 1.24
CA SER A 326 -15.10 4.63 1.17
C SER A 326 -14.87 6.16 1.18
C SER A 326 -14.93 6.15 1.18
N PRO A 327 -15.13 6.82 0.05
CA PRO A 327 -14.85 8.27 -0.01
C PRO A 327 -15.69 9.07 0.96
N THR A 328 -15.04 9.98 1.68
CA THR A 328 -15.63 10.83 2.71
C THR A 328 -14.56 11.83 3.13
N LEU A 329 -15.00 12.94 3.71
CA LEU A 329 -14.04 13.89 4.26
C LEU A 329 -13.68 13.60 5.71
N ARG A 330 -14.54 12.90 6.44
CA ARG A 330 -14.28 12.53 7.83
C ARG A 330 -14.87 11.15 8.08
N ALA A 331 -14.02 10.18 8.37
CA ALA A 331 -14.46 8.81 8.59
C ALA A 331 -14.42 8.43 10.07
C FMT B . 4.65 2.28 -1.57
O1 FMT B . 4.72 1.18 -2.17
O2 FMT B . 5.37 2.59 -0.56
ZN ZN C . 4.71 -0.80 -1.42
ZN ZN D . 6.98 1.86 0.25
C02 X3T E . 7.86 -0.31 -1.51
C04 X3T E . 8.78 -1.38 -1.09
C05 X3T E . 9.05 -2.12 -1.76
C06 X3T E . 8.60 -2.10 -2.93
C07 X3T E . 7.84 -1.31 -3.58
C08 X3T E . 7.52 -0.43 -2.93
O01 X3T E . 6.51 -0.60 -0.68
O03 X3T E . 8.25 1.04 -1.07
C1 GOL F . -11.04 7.90 -21.00
O1 GOL F . -12.20 7.81 -20.17
C2 GOL F . -10.24 9.16 -20.64
O2 GOL F . -9.14 9.29 -21.54
C3 GOL F . -9.74 9.12 -19.18
O3 GOL F . -8.88 8.00 -18.90
C1 GOL G . 1.10 1.87 -18.67
O1 GOL G . 0.48 2.28 -19.89
C2 GOL G . 2.38 2.68 -18.44
O2 GOL G . 3.33 2.44 -19.51
C3 GOL G . 3.02 2.23 -17.13
O3 GOL G . 4.19 3.02 -16.88
CAC E8N H . -11.85 -9.09 20.61
CAB E8N H . -9.84 -9.62 22.85
CAA E8N H . -10.19 -7.07 23.96
CAD E8N H . -9.26 -6.98 22.74
CAF E8N H . -11.29 -8.00 21.42
CAE E8N H . -10.71 -9.33 19.49
CAH E8N H . -9.52 -9.58 20.09
CAG E8N H . -8.98 -8.54 20.86
CAI E8N H . -9.94 -8.17 21.99
S SO4 I . 8.95 -19.37 10.66
O1 SO4 I . 9.44 -18.60 11.81
O2 SO4 I . 7.63 -19.90 10.95
O3 SO4 I . 8.88 -18.53 9.47
O4 SO4 I . 9.88 -20.47 10.41
#